data_1IHS
#
_entry.id   1IHS
#
_cell.length_a   71.000
_cell.length_b   72.100
_cell.length_c   73.100
_cell.angle_alpha   90.00
_cell.angle_beta   100.90
_cell.angle_gamma   90.00
#
_symmetry.space_group_name_H-M   'C 1 2 1'
#
loop_
_entity.id
_entity.type
_entity.pdbx_description
1 polymer 'ALPHA-THROMBIN (SMALL SUBUNIT)'
2 polymer 'ALPHA-THROMBIN (LARGE SUBUNIT)'
3 polymer HIRUTONIN
4 water water
#
loop_
_entity_poly.entity_id
_entity_poly.type
_entity_poly.pdbx_seq_one_letter_code
_entity_poly.pdbx_strand_id
1 'polypeptide(L)' TFGSGEADCGLRPLFEKKSLEDKTERELLESYIDGR L
2 'polypeptide(L)'
;IVEGSDAEIGMSPWQVMLFRKSPQELLCGASLISDRWVLTAAHCLLYPPWDKNFTENDLLVRIGKHSRTRYERNIEKISM
LEKIYIHPRYNWRENLDRDIALMKLKKPVAFSDYIHPVCLPDRETAASLLQAGYKGRVTGWGNLKETWTANVGKGQPSVL
QVVNLPIVERPVCKDSTRIRITDNMFCAGYKPDEGKRGDACEGDSGGPFVMKSPFNNRWYQMGIVSWGEGCDRDGKYGFY
THVFRLKKWIQKVIDQFGE
;
H
3 'polypeptide(L)' (ACE)(DPN)P(OPR)QSHNDGDFEEIPEEYLQ I
#
loop_
_chem_comp.id
_chem_comp.type
_chem_comp.name
_chem_comp.formula
ACE non-polymer 'ACETYL GROUP' 'C2 H4 O'
OPR peptide-like '(5S)-5-amino-8-carbamimidamido-4-oxooctanoic acid' 'C9 H18 N4 O3'
#
# COMPACT_ATOMS: atom_id res chain seq x y z
N GLY A 5 -8.25 11.56 -13.13
CA GLY A 5 -9.64 11.87 -12.93
C GLY A 5 -10.07 10.87 -11.89
N GLU A 6 -11.19 10.18 -12.09
CA GLU A 6 -11.65 9.21 -11.12
C GLU A 6 -12.84 9.82 -10.42
N ALA A 7 -13.87 10.07 -11.22
CA ALA A 7 -15.08 10.72 -10.75
C ALA A 7 -15.69 10.13 -9.49
N ASP A 8 -15.64 8.80 -9.40
CA ASP A 8 -16.22 8.16 -8.25
C ASP A 8 -15.17 7.60 -7.30
N CYS A 9 -13.92 8.09 -7.39
CA CYS A 9 -12.85 7.52 -6.59
C CYS A 9 -13.09 7.69 -5.11
N GLY A 10 -12.56 6.76 -4.33
CA GLY A 10 -12.56 6.88 -2.90
C GLY A 10 -13.90 6.75 -2.23
N LEU A 11 -15.02 6.44 -2.92
CA LEU A 11 -16.30 6.19 -2.23
C LEU A 11 -16.56 4.70 -2.33
N ARG A 12 -16.50 3.97 -1.19
CA ARG A 12 -16.62 2.52 -1.16
C ARG A 12 -18.06 2.01 -1.33
N PRO A 13 -18.34 1.09 -2.27
CA PRO A 13 -19.64 0.46 -2.49
C PRO A 13 -20.30 0.00 -1.21
N LEU A 14 -19.57 -0.70 -0.32
CA LEU A 14 -20.21 -1.22 0.88
C LEU A 14 -20.19 -0.28 2.07
N PHE A 15 -19.65 0.95 1.97
CA PHE A 15 -19.63 1.83 3.13
C PHE A 15 -20.17 3.21 2.74
N GLU A 16 -19.39 4.13 2.14
CA GLU A 16 -19.85 5.47 1.83
C GLU A 16 -21.12 5.50 0.98
N LYS A 17 -21.17 4.66 -0.04
CA LYS A 17 -22.32 4.64 -0.93
C LYS A 17 -23.60 4.15 -0.30
N LYS A 18 -23.52 3.52 0.87
CA LYS A 18 -24.64 3.01 1.63
C LYS A 18 -24.83 3.73 2.93
N SER A 19 -23.97 4.74 3.14
CA SER A 19 -23.90 5.50 4.36
C SER A 19 -23.61 4.64 5.60
N LEU A 20 -22.74 3.62 5.44
CA LEU A 20 -22.37 2.80 6.58
C LEU A 20 -20.90 3.15 6.91
N GLU A 21 -20.50 3.16 8.15
CA GLU A 21 -19.13 3.48 8.54
C GLU A 21 -18.42 2.20 8.90
N ASP A 22 -17.12 2.07 8.61
CA ASP A 22 -16.42 0.90 9.11
C ASP A 22 -16.12 1.13 10.57
N LYS A 23 -15.54 0.09 11.17
CA LYS A 23 -15.35 0.02 12.60
C LYS A 23 -14.31 0.96 13.15
N THR A 24 -13.35 1.48 12.40
CA THR A 24 -12.41 2.35 13.06
C THR A 24 -12.25 3.66 12.33
N GLU A 25 -13.11 4.02 11.37
CA GLU A 25 -12.80 5.22 10.62
C GLU A 25 -13.02 6.45 11.46
N ARG A 26 -13.83 6.38 12.52
CA ARG A 26 -14.06 7.52 13.38
C ARG A 26 -12.76 7.92 14.03
N GLU A 27 -11.85 6.98 14.35
CA GLU A 27 -10.54 7.29 14.94
C GLU A 27 -9.75 8.24 14.02
N LEU A 28 -9.84 8.03 12.70
CA LEU A 28 -9.18 8.90 11.76
C LEU A 28 -9.83 10.28 11.82
N LEU A 29 -11.15 10.37 11.69
CA LEU A 29 -11.82 11.65 11.66
C LEU A 29 -11.68 12.39 12.97
N GLU A 30 -11.62 11.70 14.10
CA GLU A 30 -11.40 12.34 15.36
C GLU A 30 -10.00 12.92 15.50
N SER A 31 -9.02 12.51 14.68
CA SER A 31 -7.69 13.06 14.82
C SER A 31 -7.51 14.29 13.97
N TYR A 32 -8.47 14.63 13.10
CA TYR A 32 -8.26 15.72 12.16
C TYR A 32 -8.75 16.98 12.82
N ILE A 33 -7.96 17.42 13.79
CA ILE A 33 -8.29 18.59 14.60
C ILE A 33 -7.39 19.74 14.12
N ASP A 34 -7.92 20.72 13.59
N ILE B 1 1.40 -6.44 8.76
CA ILE B 1 0.97 -5.36 9.60
C ILE B 1 1.13 -5.93 11.00
N VAL B 2 1.73 -5.15 11.89
CA VAL B 2 2.03 -5.53 13.24
C VAL B 2 1.07 -4.76 14.10
N GLU B 3 0.34 -5.53 14.93
CA GLU B 3 -0.65 -5.02 15.87
C GLU B 3 -1.84 -4.33 15.21
N GLY B 4 -2.23 -4.85 14.04
CA GLY B 4 -3.43 -4.35 13.37
C GLY B 4 -4.61 -5.25 13.69
N SER B 5 -5.66 -5.26 12.88
CA SER B 5 -6.76 -6.16 13.11
C SER B 5 -7.23 -6.60 11.74
N ASP B 6 -8.08 -7.61 11.67
CA ASP B 6 -8.57 -8.09 10.38
C ASP B 6 -9.38 -7.01 9.72
N ALA B 7 -9.23 -6.80 8.45
CA ALA B 7 -10.04 -5.80 7.76
C ALA B 7 -11.47 -6.32 7.58
N GLU B 8 -12.43 -5.41 7.48
CA GLU B 8 -13.79 -5.76 7.09
C GLU B 8 -13.88 -6.07 5.61
N ILE B 9 -14.85 -6.89 5.18
CA ILE B 9 -15.00 -7.17 3.76
C ILE B 9 -15.32 -5.84 3.05
N GLY B 10 -14.70 -5.53 1.92
CA GLY B 10 -14.96 -4.29 1.20
C GLY B 10 -14.36 -3.05 1.84
N MET B 11 -13.63 -3.14 2.96
CA MET B 11 -13.03 -1.99 3.61
C MET B 11 -11.97 -1.24 2.81
N SER B 12 -11.16 -1.90 1.98
CA SER B 12 -10.15 -1.28 1.16
C SER B 12 -10.23 -1.83 -0.24
N PRO B 13 -11.25 -1.46 -1.02
CA PRO B 13 -11.50 -2.04 -2.32
C PRO B 13 -10.44 -1.71 -3.35
N TRP B 14 -9.53 -0.79 -3.03
CA TRP B 14 -8.41 -0.39 -3.91
C TRP B 14 -7.18 -1.24 -3.61
N GLN B 15 -7.17 -2.12 -2.59
CA GLN B 15 -5.97 -2.89 -2.24
C GLN B 15 -5.67 -3.92 -3.31
N VAL B 16 -4.43 -4.00 -3.77
CA VAL B 16 -4.07 -4.95 -4.81
C VAL B 16 -2.92 -5.82 -4.26
N MET B 17 -2.86 -7.09 -4.66
CA MET B 17 -1.76 -7.96 -4.30
C MET B 17 -0.88 -8.15 -5.52
N LEU B 18 0.43 -7.99 -5.38
CA LEU B 18 1.34 -8.25 -6.48
C LEU B 18 1.81 -9.67 -6.25
N PHE B 19 1.69 -10.47 -7.31
CA PHE B 19 1.89 -11.89 -7.18
C PHE B 19 2.79 -12.41 -8.29
N ARG B 20 3.80 -13.14 -7.83
CA ARG B 20 4.76 -13.73 -8.73
C ARG B 20 4.20 -15.03 -9.34
N LYS B 21 4.37 -15.21 -10.64
CA LYS B 21 3.92 -16.42 -11.29
C LYS B 21 4.70 -17.67 -10.89
N SER B 22 6.04 -17.65 -10.90
CA SER B 22 6.80 -18.84 -10.61
C SER B 22 8.05 -18.47 -9.86
N PRO B 23 8.26 -18.89 -8.61
CA PRO B 23 7.27 -19.56 -7.76
C PRO B 23 6.10 -18.62 -7.44
N GLN B 24 4.92 -19.18 -7.18
CA GLN B 24 3.74 -18.38 -6.88
C GLN B 24 3.98 -17.85 -5.48
N GLU B 25 4.25 -16.56 -5.35
CA GLU B 25 4.44 -15.95 -4.04
C GLU B 25 3.98 -14.50 -4.04
N LEU B 26 3.59 -14.01 -2.87
CA LEU B 26 3.17 -12.63 -2.72
C LEU B 26 4.43 -11.79 -2.66
N LEU B 27 4.51 -10.82 -3.58
CA LEU B 27 5.63 -9.90 -3.64
C LEU B 27 5.46 -8.62 -2.82
N CYS B 28 4.27 -8.01 -2.88
CA CYS B 28 4.05 -6.67 -2.36
C CYS B 28 2.56 -6.35 -2.37
N GLY B 29 2.16 -5.28 -1.70
CA GLY B 29 0.82 -4.71 -1.85
C GLY B 29 0.90 -3.70 -3.01
N ALA B 30 -0.23 -3.14 -3.40
CA ALA B 30 -0.27 -2.12 -4.44
C ALA B 30 -1.67 -1.50 -4.33
N SER B 31 -2.01 -0.48 -5.13
CA SER B 31 -3.35 0.11 -5.04
C SER B 31 -3.94 0.43 -6.40
N LEU B 32 -5.28 0.34 -6.53
CA LEU B 32 -5.92 0.58 -7.80
C LEU B 32 -6.29 2.06 -7.83
N ILE B 33 -5.78 2.82 -8.81
CA ILE B 33 -6.12 4.24 -8.92
C ILE B 33 -7.02 4.50 -10.14
N SER B 34 -7.27 3.56 -11.07
CA SER B 34 -8.28 3.74 -12.12
C SER B 34 -8.58 2.34 -12.64
N ASP B 35 -9.40 2.13 -13.68
CA ASP B 35 -9.67 0.79 -14.18
C ASP B 35 -8.46 0.11 -14.79
N ARG B 36 -7.39 0.81 -15.12
CA ARG B 36 -6.23 0.19 -15.75
C ARG B 36 -4.87 0.53 -15.15
N TRP B 37 -4.77 1.30 -14.07
CA TRP B 37 -3.48 1.71 -13.51
C TRP B 37 -3.37 1.31 -12.04
N VAL B 38 -2.25 0.65 -11.71
CA VAL B 38 -1.96 0.24 -10.35
C VAL B 38 -0.73 1.02 -9.87
N LEU B 39 -0.70 1.51 -8.64
CA LEU B 39 0.43 2.23 -8.05
C LEU B 39 1.12 1.33 -7.03
N THR B 40 2.44 1.29 -7.00
CA THR B 40 3.14 0.48 -6.01
C THR B 40 4.50 1.16 -5.74
N ALA B 41 5.31 0.61 -4.86
CA ALA B 41 6.66 1.08 -4.59
C ALA B 41 7.60 0.53 -5.66
N ALA B 42 8.52 1.34 -6.19
CA ALA B 42 9.50 0.88 -7.17
C ALA B 42 10.41 -0.24 -6.65
N HIS B 43 10.61 -0.38 -5.35
CA HIS B 43 11.54 -1.43 -4.94
C HIS B 43 10.87 -2.80 -5.00
N CYS B 44 9.54 -2.83 -5.18
CA CYS B 44 8.81 -4.10 -5.33
C CYS B 44 9.23 -4.73 -6.65
N LEU B 45 9.62 -3.88 -7.62
CA LEU B 45 10.00 -4.32 -8.94
C LEU B 45 11.50 -4.30 -9.20
N LEU B 46 12.26 -3.37 -8.63
CA LEU B 46 13.66 -3.24 -8.96
C LEU B 46 14.42 -2.91 -7.69
N TYR B 47 15.32 -3.79 -7.28
CA TYR B 47 16.17 -3.56 -6.13
C TYR B 47 17.44 -4.42 -6.30
N PRO B 48 18.39 -3.92 -7.11
CA PRO B 48 19.62 -4.65 -7.42
C PRO B 48 20.43 -5.20 -6.24
N PRO B 49 20.53 -4.61 -5.03
CA PRO B 49 21.15 -5.22 -3.88
C PRO B 49 20.65 -6.61 -3.54
N TRP B 50 19.39 -6.90 -3.86
CA TRP B 50 18.79 -8.20 -3.60
C TRP B 50 18.55 -8.94 -4.91
N ASP B 51 19.25 -8.52 -5.97
CA ASP B 51 19.04 -9.01 -7.31
C ASP B 51 17.58 -9.10 -7.75
N LYS B 52 16.80 -8.11 -7.36
CA LYS B 52 15.41 -8.06 -7.78
C LYS B 52 15.29 -7.16 -9.01
N ASN B 53 14.68 -7.63 -10.08
CA ASN B 53 14.40 -6.81 -11.25
C ASN B 53 13.31 -7.53 -12.02
N PHE B 54 12.03 -7.24 -11.78
CA PHE B 54 10.96 -7.96 -12.46
C PHE B 54 10.51 -7.22 -13.68
N THR B 55 10.18 -8.01 -14.69
CA THR B 55 9.60 -7.52 -15.93
C THR B 55 8.08 -7.79 -15.78
N GLU B 56 7.24 -7.17 -16.60
CA GLU B 56 5.80 -7.36 -16.53
C GLU B 56 5.33 -8.79 -16.76
N ASN B 57 6.10 -9.54 -17.54
CA ASN B 57 5.78 -10.93 -17.77
C ASN B 57 6.01 -11.82 -16.58
N ASP B 58 6.63 -11.34 -15.50
CA ASP B 58 6.86 -12.16 -14.33
C ASP B 58 5.72 -12.05 -13.33
N LEU B 59 4.85 -11.08 -13.56
CA LEU B 59 3.92 -10.69 -12.51
C LEU B 59 2.45 -10.75 -12.89
N LEU B 60 1.65 -10.89 -11.83
CA LEU B 60 0.19 -10.81 -11.91
C LEU B 60 -0.27 -9.89 -10.79
N VAL B 61 -1.30 -9.08 -11.04
CA VAL B 61 -1.94 -8.35 -9.97
C VAL B 61 -3.26 -9.08 -9.65
N ARG B 62 -3.61 -9.24 -8.39
CA ARG B 62 -4.84 -9.84 -7.99
C ARG B 62 -5.58 -8.75 -7.21
N ILE B 63 -6.80 -8.42 -7.66
CA ILE B 63 -7.61 -7.29 -7.20
C ILE B 63 -8.90 -7.79 -6.55
N GLY B 64 -9.38 -7.23 -5.46
CA GLY B 64 -10.63 -7.64 -4.81
C GLY B 64 -10.44 -8.69 -3.74
N LYS B 65 -9.22 -8.93 -3.25
CA LYS B 65 -8.97 -10.00 -2.31
C LYS B 65 -9.16 -9.61 -0.88
N HIS B 66 -9.31 -10.64 -0.07
CA HIS B 66 -9.46 -10.49 1.36
C HIS B 66 -8.52 -11.54 1.98
N SER B 67 -8.71 -12.81 1.68
CA SER B 67 -7.89 -13.92 2.18
C SER B 67 -6.50 -13.80 1.55
N ARG B 68 -5.42 -14.06 2.29
CA ARG B 68 -4.09 -14.00 1.71
C ARG B 68 -3.87 -15.13 0.73
N THR B 69 -4.17 -16.39 1.10
CA THR B 69 -3.79 -17.51 0.25
C THR B 69 -4.81 -18.15 -0.69
N ARG B 70 -6.10 -17.99 -0.39
CA ARG B 70 -7.11 -18.59 -1.22
C ARG B 70 -7.33 -17.96 -2.58
N TYR B 71 -7.59 -18.75 -3.63
CA TYR B 71 -8.06 -18.14 -4.87
C TYR B 71 -9.55 -17.82 -4.64
N GLU B 72 -9.92 -16.56 -4.41
CA GLU B 72 -11.30 -16.16 -4.15
C GLU B 72 -12.18 -16.07 -5.40
N ARG B 73 -12.62 -17.27 -5.81
CA ARG B 73 -13.45 -17.53 -6.98
C ARG B 73 -14.70 -16.67 -6.94
N ASN B 74 -14.97 -16.06 -8.09
CA ASN B 74 -16.08 -15.13 -8.30
C ASN B 74 -15.92 -13.79 -7.57
N ILE B 75 -14.85 -13.53 -6.82
CA ILE B 75 -14.69 -12.25 -6.13
C ILE B 75 -13.46 -11.56 -6.68
N GLU B 76 -12.29 -12.19 -6.61
CA GLU B 76 -11.10 -11.51 -7.07
C GLU B 76 -10.95 -11.54 -8.58
N LYS B 77 -10.26 -10.54 -9.15
CA LYS B 77 -9.92 -10.50 -10.55
C LYS B 77 -8.37 -10.52 -10.67
N ILE B 78 -7.84 -11.26 -11.65
CA ILE B 78 -6.39 -11.40 -11.82
C ILE B 78 -6.10 -10.70 -13.11
N SER B 79 -5.11 -9.83 -13.21
CA SER B 79 -4.80 -9.20 -14.49
C SER B 79 -3.30 -9.31 -14.68
N MET B 80 -2.99 -9.35 -15.97
CA MET B 80 -1.63 -9.35 -16.44
C MET B 80 -1.27 -7.91 -16.75
N LEU B 81 0.02 -7.64 -16.85
CA LEU B 81 0.48 -6.30 -17.05
C LEU B 81 0.92 -6.10 -18.46
N GLU B 82 0.63 -4.89 -18.91
CA GLU B 82 1.06 -4.43 -20.20
C GLU B 82 2.42 -3.73 -20.06
N LYS B 83 2.63 -2.84 -19.08
CA LYS B 83 3.87 -2.09 -18.98
C LYS B 83 4.07 -1.65 -17.55
N ILE B 84 5.31 -1.46 -17.15
CA ILE B 84 5.70 -1.04 -15.82
C ILE B 84 6.46 0.26 -16.02
N TYR B 85 6.33 1.23 -15.15
CA TYR B 85 6.98 2.52 -15.27
C TYR B 85 7.56 2.80 -13.90
N ILE B 86 8.89 2.87 -13.78
CA ILE B 86 9.59 3.12 -12.51
C ILE B 86 9.91 4.62 -12.55
N HIS B 87 9.88 5.39 -11.47
CA HIS B 87 10.31 6.78 -11.54
C HIS B 87 11.76 6.84 -12.03
N PRO B 88 12.12 7.65 -13.04
CA PRO B 88 13.46 7.71 -13.61
C PRO B 88 14.53 8.03 -12.56
N ARG B 89 14.16 8.77 -11.52
CA ARG B 89 15.11 9.11 -10.46
C ARG B 89 14.90 8.40 -9.13
N TYR B 90 14.34 7.20 -9.18
CA TYR B 90 14.20 6.31 -8.03
C TYR B 90 15.62 6.07 -7.52
N ASN B 91 15.92 6.31 -6.25
CA ASN B 91 17.27 6.11 -5.76
C ASN B 91 17.44 4.87 -4.91
N TRP B 92 17.65 3.75 -5.58
CA TRP B 92 17.83 2.48 -4.90
C TRP B 92 19.22 2.35 -4.30
N ARG B 93 20.18 3.20 -4.71
CA ARG B 93 21.54 3.08 -4.20
C ARG B 93 21.72 3.54 -2.77
N GLU B 94 20.95 4.54 -2.35
CA GLU B 94 21.14 5.11 -1.04
C GLU B 94 19.92 5.05 -0.12
N ASN B 95 18.79 5.70 -0.45
CA ASN B 95 17.75 5.85 0.56
C ASN B 95 16.33 5.58 0.09
N LEU B 96 16.16 4.94 -1.07
CA LEU B 96 14.86 4.65 -1.69
C LEU B 96 14.05 5.91 -1.93
N ASP B 97 14.75 7.00 -2.24
CA ASP B 97 14.11 8.25 -2.57
C ASP B 97 13.32 8.08 -3.87
N ARG B 98 12.10 8.64 -3.90
CA ARG B 98 11.19 8.52 -5.04
C ARG B 98 10.89 7.04 -5.33
N ASP B 99 10.55 6.34 -4.28
CA ASP B 99 10.18 4.94 -4.41
C ASP B 99 8.74 4.80 -4.97
N ILE B 100 8.54 4.89 -6.29
CA ILE B 100 7.19 4.82 -6.83
C ILE B 100 7.23 4.19 -8.20
N ALA B 101 6.22 3.39 -8.55
CA ALA B 101 6.13 2.80 -9.86
C ALA B 101 4.66 2.73 -10.21
N LEU B 102 4.36 2.87 -11.51
CA LEU B 102 3.03 2.66 -12.06
C LEU B 102 3.04 1.38 -12.92
N MET B 103 1.95 0.62 -12.92
CA MET B 103 1.82 -0.59 -13.71
C MET B 103 0.52 -0.45 -14.49
N LYS B 104 0.57 -0.55 -15.82
CA LYS B 104 -0.60 -0.45 -16.68
C LYS B 104 -1.12 -1.85 -16.95
N LEU B 105 -2.42 -2.08 -16.74
CA LEU B 105 -2.99 -3.42 -16.88
C LEU B 105 -3.29 -3.71 -18.32
N LYS B 106 -3.20 -4.97 -18.75
CA LYS B 106 -3.50 -5.29 -20.13
C LYS B 106 -4.92 -4.94 -20.57
N LYS B 107 -5.90 -5.03 -19.68
CA LYS B 107 -7.28 -4.75 -20.00
C LYS B 107 -7.89 -4.11 -18.75
N PRO B 108 -8.85 -3.20 -18.86
CA PRO B 108 -9.58 -2.61 -17.74
C PRO B 108 -10.21 -3.63 -16.82
N VAL B 109 -10.19 -3.43 -15.50
CA VAL B 109 -10.94 -4.30 -14.62
C VAL B 109 -12.29 -3.61 -14.44
N ALA B 110 -13.31 -4.43 -14.26
CA ALA B 110 -14.63 -3.91 -13.97
C ALA B 110 -14.67 -3.75 -12.45
N PHE B 111 -15.33 -2.69 -12.02
CA PHE B 111 -15.45 -2.42 -10.60
C PHE B 111 -16.57 -3.26 -10.01
N SER B 112 -16.66 -3.37 -8.70
CA SER B 112 -17.69 -4.17 -8.07
C SER B 112 -17.68 -3.72 -6.64
N ASP B 113 -18.44 -4.37 -5.76
CA ASP B 113 -18.39 -4.07 -4.35
C ASP B 113 -17.03 -4.27 -3.69
N TYR B 114 -16.15 -5.05 -4.30
CA TYR B 114 -14.87 -5.41 -3.65
C TYR B 114 -13.68 -4.75 -4.36
N ILE B 115 -13.94 -4.04 -5.47
CA ILE B 115 -12.94 -3.51 -6.37
C ILE B 115 -13.39 -2.09 -6.73
N HIS B 116 -12.66 -1.06 -6.28
CA HIS B 116 -13.03 0.31 -6.54
C HIS B 116 -11.75 1.15 -6.35
N PRO B 117 -11.45 2.14 -7.18
CA PRO B 117 -10.22 2.91 -7.05
C PRO B 117 -10.23 3.94 -5.92
N VAL B 118 -9.03 4.25 -5.43
CA VAL B 118 -8.85 5.25 -4.41
C VAL B 118 -8.54 6.58 -5.14
N CYS B 119 -8.73 7.73 -4.51
CA CYS B 119 -8.40 8.98 -5.13
C CYS B 119 -6.94 9.38 -4.87
N LEU B 120 -6.41 10.18 -5.77
CA LEU B 120 -5.06 10.69 -5.59
C LEU B 120 -5.19 12.11 -5.09
N PRO B 121 -4.41 12.59 -4.11
CA PRO B 121 -4.58 13.92 -3.56
C PRO B 121 -4.25 15.05 -4.53
N ASP B 122 -4.94 16.16 -4.29
CA ASP B 122 -4.67 17.42 -4.95
C ASP B 122 -3.93 18.25 -3.91
N ARG B 123 -3.27 19.35 -4.33
CA ARG B 123 -2.51 20.20 -3.43
C ARG B 123 -3.25 20.58 -2.17
N GLU B 124 -4.50 20.99 -2.28
CA GLU B 124 -5.27 21.36 -1.11
C GLU B 124 -5.63 20.20 -0.19
N THR B 125 -5.85 18.97 -0.67
CA THR B 125 -6.15 17.88 0.25
C THR B 125 -4.84 17.54 0.98
N ALA B 126 -3.71 17.49 0.26
CA ALA B 126 -2.44 17.16 0.87
C ALA B 126 -2.13 18.17 1.94
N ALA B 127 -2.31 19.46 1.63
CA ALA B 127 -2.11 20.54 2.60
C ALA B 127 -2.93 20.43 3.85
N SER B 128 -4.22 20.14 3.76
CA SER B 128 -5.04 20.06 4.95
C SER B 128 -4.81 18.81 5.77
N LEU B 129 -4.40 17.72 5.12
CA LEU B 129 -4.43 16.46 5.84
C LEU B 129 -3.07 15.95 6.20
N LEU B 130 -1.99 16.32 5.53
CA LEU B 130 -0.71 15.73 5.89
C LEU B 130 -0.07 16.58 6.96
N GLN B 131 -0.59 16.38 8.17
CA GLN B 131 -0.19 17.11 9.33
C GLN B 131 0.11 16.15 10.46
N ALA B 132 1.18 16.42 11.24
CA ALA B 132 1.57 15.58 12.36
C ALA B 132 0.45 15.39 13.36
N GLY B 133 0.22 14.15 13.76
CA GLY B 133 -0.83 13.83 14.67
C GLY B 133 -2.10 13.40 13.92
N TYR B 134 -2.27 13.70 12.64
CA TYR B 134 -3.46 13.27 11.91
C TYR B 134 -3.22 11.81 11.54
N LYS B 135 -4.23 10.97 11.69
CA LYS B 135 -4.06 9.56 11.36
C LYS B 135 -4.46 9.14 9.96
N GLY B 136 -3.68 8.20 9.45
CA GLY B 136 -3.93 7.55 8.19
C GLY B 136 -4.09 6.04 8.43
N ARG B 137 -4.33 5.24 7.40
CA ARG B 137 -4.63 3.84 7.58
C ARG B 137 -3.75 3.07 6.63
N VAL B 138 -3.12 1.99 7.12
CA VAL B 138 -2.24 1.20 6.27
C VAL B 138 -2.83 -0.20 6.15
N THR B 139 -2.81 -0.86 4.99
CA THR B 139 -3.33 -2.21 4.89
C THR B 139 -2.36 -3.14 4.20
N GLY B 140 -2.39 -4.43 4.48
CA GLY B 140 -1.55 -5.35 3.76
C GLY B 140 -1.63 -6.79 4.33
N TRP B 141 -1.03 -7.75 3.61
CA TRP B 141 -1.01 -9.17 3.96
C TRP B 141 0.36 -9.56 4.51
N GLY B 142 1.20 -8.59 4.85
CA GLY B 142 2.54 -8.86 5.34
C GLY B 142 2.59 -9.47 6.73
N ASN B 143 3.83 -9.60 7.18
CA ASN B 143 4.13 -10.18 8.47
C ASN B 143 3.49 -9.43 9.62
N LEU B 144 3.09 -10.27 10.57
CA LEU B 144 2.48 -9.83 11.80
C LEU B 144 3.50 -9.59 12.87
N LYS B 145 4.75 -9.98 12.67
CA LYS B 145 5.79 -9.82 13.68
C LYS B 145 7.04 -9.70 12.84
N GLU B 146 7.97 -8.93 13.39
CA GLU B 146 9.28 -8.74 12.78
C GLU B 146 9.97 -10.10 12.60
N THR B 147 10.02 -10.87 13.68
CA THR B 147 10.65 -12.17 13.69
C THR B 147 9.50 -13.17 13.72
N TRP B 148 9.22 -13.85 12.62
CA TRP B 148 8.14 -14.81 12.60
C TRP B 148 7.53 -14.99 11.23
N THR B 149 7.74 -14.01 10.35
CA THR B 149 7.24 -14.13 9.00
C THR B 149 8.06 -15.15 8.24
N ALA B 150 7.37 -16.04 7.54
CA ALA B 150 7.99 -17.09 6.75
C ALA B 150 6.94 -17.68 5.82
N ASN B 151 5.74 -17.81 6.36
CA ASN B 151 4.59 -18.29 5.61
C ASN B 151 3.71 -19.07 6.57
N VAL B 152 3.09 -20.10 6.02
CA VAL B 152 2.19 -20.99 6.75
C VAL B 152 1.09 -20.21 7.43
N GLY B 153 1.35 -20.01 8.71
CA GLY B 153 0.49 -19.28 9.60
C GLY B 153 1.30 -19.02 10.84
N LYS B 154 2.51 -18.49 10.60
CA LYS B 154 3.37 -18.11 11.70
C LYS B 154 2.99 -16.67 11.99
N GLY B 155 3.82 -15.75 11.55
CA GLY B 155 3.44 -14.37 11.66
C GLY B 155 2.99 -13.95 10.28
N GLN B 156 2.08 -14.66 9.64
CA GLN B 156 1.58 -14.27 8.32
C GLN B 156 0.06 -14.37 8.47
N PRO B 157 -0.77 -13.36 8.18
CA PRO B 157 -2.20 -13.33 8.54
C PRO B 157 -3.10 -14.17 7.64
N SER B 158 -4.32 -14.60 8.03
CA SER B 158 -5.17 -15.26 7.04
C SER B 158 -5.86 -14.27 6.12
N VAL B 159 -6.22 -13.12 6.64
CA VAL B 159 -6.87 -12.13 5.80
C VAL B 159 -6.14 -10.79 5.93
N LEU B 160 -6.53 -9.87 5.03
CA LEU B 160 -6.03 -8.51 5.01
C LEU B 160 -6.10 -7.90 6.40
N GLN B 161 -5.02 -7.23 6.80
CA GLN B 161 -4.94 -6.57 8.09
C GLN B 161 -4.98 -5.07 7.85
N VAL B 162 -5.38 -4.32 8.87
CA VAL B 162 -5.47 -2.88 8.78
C VAL B 162 -4.92 -2.33 10.07
N VAL B 163 -4.26 -1.15 10.05
CA VAL B 163 -3.85 -0.46 11.28
C VAL B 163 -3.97 1.06 11.00
N ASN B 164 -4.30 1.91 11.97
CA ASN B 164 -4.42 3.35 11.76
C ASN B 164 -3.22 3.97 12.48
N LEU B 165 -2.44 4.85 11.88
CA LEU B 165 -1.23 5.37 12.50
C LEU B 165 -1.18 6.87 12.35
N PRO B 166 -0.69 7.63 13.33
CA PRO B 166 -0.46 9.07 13.21
C PRO B 166 0.75 9.47 12.38
N ILE B 167 0.65 10.54 11.60
CA ILE B 167 1.78 11.11 10.91
C ILE B 167 2.70 11.72 11.98
N VAL B 168 4.01 11.61 11.82
CA VAL B 168 4.98 12.09 12.80
C VAL B 168 5.67 13.32 12.21
N GLU B 169 6.11 14.23 13.07
CA GLU B 169 6.78 15.47 12.66
C GLU B 169 8.10 15.14 12.00
N ARG B 170 8.47 15.80 10.91
CA ARG B 170 9.74 15.57 10.24
C ARG B 170 10.99 15.56 11.11
N PRO B 171 11.24 16.44 12.10
CA PRO B 171 12.34 16.35 13.06
C PRO B 171 12.47 14.99 13.73
N VAL B 172 11.36 14.49 14.28
CA VAL B 172 11.36 13.22 14.98
C VAL B 172 11.67 12.09 14.00
N CYS B 173 11.17 12.17 12.77
CA CYS B 173 11.48 11.17 11.77
C CYS B 173 12.98 11.16 11.46
N LYS B 174 13.56 12.33 11.24
CA LYS B 174 14.97 12.44 10.88
C LYS B 174 15.86 11.92 12.03
N ASP B 175 15.54 12.25 13.27
CA ASP B 175 16.33 11.84 14.42
C ASP B 175 16.15 10.42 14.88
N SER B 176 15.33 9.59 14.20
CA SER B 176 15.15 8.21 14.58
C SER B 176 16.01 7.31 13.68
N THR B 177 16.69 7.82 12.64
CA THR B 177 17.37 6.94 11.70
C THR B 177 18.69 7.56 11.30
N ARG B 178 19.60 6.82 10.72
CA ARG B 178 20.85 7.34 10.18
C ARG B 178 20.63 7.53 8.70
N ILE B 179 19.56 6.99 8.10
CA ILE B 179 19.30 7.11 6.65
C ILE B 179 18.95 8.57 6.41
N ARG B 180 19.44 9.10 5.30
CA ARG B 180 19.14 10.44 4.89
C ARG B 180 17.68 10.58 4.38
N ILE B 181 16.73 11.21 5.06
CA ILE B 181 15.38 11.24 4.51
C ILE B 181 15.16 12.48 3.62
N THR B 182 14.26 12.42 2.62
CA THR B 182 14.05 13.54 1.70
C THR B 182 12.64 14.09 1.80
N ASP B 183 12.30 15.10 0.97
CA ASP B 183 10.96 15.65 0.99
C ASP B 183 9.96 14.74 0.31
N ASN B 184 10.43 13.68 -0.34
CA ASN B 184 9.57 12.72 -0.99
C ASN B 184 9.21 11.58 -0.05
N MET B 185 9.33 11.74 1.26
CA MET B 185 9.07 10.66 2.19
C MET B 185 8.39 11.24 3.38
N PHE B 186 7.58 10.51 4.14
CA PHE B 186 7.14 10.99 5.41
C PHE B 186 7.16 9.77 6.31
N CYS B 187 7.11 9.91 7.62
CA CYS B 187 7.08 8.72 8.48
C CYS B 187 5.84 8.80 9.36
N ALA B 188 5.42 7.63 9.86
CA ALA B 188 4.24 7.53 10.68
C ALA B 188 4.38 6.42 11.72
N GLY B 189 3.70 6.61 12.83
CA GLY B 189 3.71 5.64 13.90
C GLY B 189 3.52 6.36 15.20
N TYR B 190 3.31 5.54 16.21
CA TYR B 190 3.19 6.02 17.56
C TYR B 190 4.58 6.19 18.18
N LYS B 191 4.74 7.23 19.00
CA LYS B 191 5.96 7.54 19.75
C LYS B 191 6.00 6.60 20.96
N PRO B 192 7.15 6.24 21.57
CA PRO B 192 7.23 5.31 22.70
C PRO B 192 6.32 5.62 23.86
N ASP B 193 6.13 6.92 24.10
CA ASP B 193 5.29 7.36 25.18
C ASP B 193 3.81 7.24 24.89
N GLU B 194 3.31 6.97 23.68
CA GLU B 194 1.88 7.02 23.42
C GLU B 194 1.07 5.80 23.82
N GLY B 195 1.71 4.69 24.20
CA GLY B 195 0.94 3.53 24.61
C GLY B 195 0.42 2.70 23.43
N LYS B 196 -0.16 3.24 22.34
CA LYS B 196 -0.61 2.38 21.25
C LYS B 196 0.59 2.03 20.41
N ARG B 197 0.51 0.98 19.61
CA ARG B 197 1.58 0.50 18.77
C ARG B 197 1.04 0.23 17.36
N GLY B 198 1.88 -0.19 16.43
CA GLY B 198 1.37 -0.66 15.15
C GLY B 198 2.35 -0.30 14.07
N ASP B 199 2.50 -1.05 13.00
CA ASP B 199 3.43 -0.67 11.95
C ASP B 199 3.11 -1.58 10.77
N ALA B 200 3.64 -1.22 9.61
CA ALA B 200 3.67 -2.10 8.47
C ALA B 200 4.88 -3.01 8.70
N CYS B 201 5.15 -4.00 7.88
CA CYS B 201 6.29 -4.88 8.13
C CYS B 201 6.57 -5.53 6.79
N GLU B 202 7.50 -6.49 6.77
CA GLU B 202 7.87 -7.21 5.56
C GLU B 202 6.67 -7.75 4.80
N GLY B 203 6.57 -7.60 3.48
CA GLY B 203 5.40 -8.06 2.72
C GLY B 203 4.32 -6.98 2.58
N ASP B 204 4.36 -5.90 3.38
CA ASP B 204 3.41 -4.80 3.22
C ASP B 204 3.86 -3.74 2.23
N SER B 205 5.11 -3.75 1.75
CA SER B 205 5.60 -2.76 0.77
C SER B 205 4.67 -2.53 -0.38
N GLY B 206 4.63 -1.30 -0.88
CA GLY B 206 3.87 -0.99 -2.07
C GLY B 206 2.41 -0.73 -1.76
N GLY B 207 1.96 -1.08 -0.56
CA GLY B 207 0.60 -0.88 -0.14
C GLY B 207 0.25 0.58 0.13
N PRO B 208 -1.03 0.93 0.18
CA PRO B 208 -1.52 2.29 0.41
C PRO B 208 -1.53 2.83 1.82
N PHE B 209 -1.15 4.11 2.02
CA PHE B 209 -1.38 4.74 3.33
C PHE B 209 -2.54 5.70 2.93
N VAL B 210 -3.75 5.62 3.50
CA VAL B 210 -4.85 6.42 2.98
C VAL B 210 -5.43 7.24 4.06
N MET B 211 -6.10 8.33 3.71
CA MET B 211 -6.76 9.15 4.70
C MET B 211 -8.16 9.46 4.20
N LYS B 212 -9.13 9.73 5.06
CA LYS B 212 -10.48 10.02 4.58
C LYS B 212 -10.68 11.53 4.71
N SER B 213 -10.93 12.24 3.63
CA SER B 213 -11.16 13.68 3.75
C SER B 213 -12.43 13.98 4.56
N PRO B 214 -12.36 14.85 5.57
CA PRO B 214 -13.55 15.31 6.26
C PRO B 214 -14.37 16.29 5.43
N PHE B 215 -13.90 16.77 4.28
CA PHE B 215 -14.62 17.76 3.50
C PHE B 215 -15.56 17.11 2.51
N ASN B 216 -15.12 16.07 1.79
CA ASN B 216 -16.00 15.42 0.83
C ASN B 216 -16.24 13.93 1.05
N ASN B 217 -15.86 13.41 2.24
CA ASN B 217 -15.96 11.97 2.53
C ASN B 217 -15.26 10.93 1.67
N ARG B 218 -14.28 11.28 0.86
CA ARG B 218 -13.62 10.35 -0.03
C ARG B 218 -12.30 9.91 0.58
N TRP B 219 -11.81 8.77 0.19
CA TRP B 219 -10.50 8.27 0.68
C TRP B 219 -9.44 8.68 -0.31
N TYR B 220 -8.32 9.18 0.20
CA TYR B 220 -7.22 9.67 -0.62
C TYR B 220 -5.97 8.86 -0.30
N GLN B 221 -5.15 8.50 -1.27
CA GLN B 221 -3.94 7.77 -0.95
C GLN B 221 -2.82 8.80 -0.75
N MET B 222 -2.34 8.96 0.48
CA MET B 222 -1.28 9.92 0.76
C MET B 222 0.13 9.31 0.68
N GLY B 223 0.29 8.00 0.95
CA GLY B 223 1.63 7.39 0.97
C GLY B 223 1.66 6.00 0.38
N ILE B 224 2.85 5.45 0.21
CA ILE B 224 3.05 4.06 -0.28
C ILE B 224 4.04 3.48 0.76
N VAL B 225 3.76 2.32 1.37
CA VAL B 225 4.68 1.64 2.30
C VAL B 225 6.02 1.48 1.60
N SER B 226 7.07 2.06 2.19
CA SER B 226 8.35 2.03 1.49
C SER B 226 9.42 1.36 2.35
N TRP B 227 9.77 1.82 3.55
CA TRP B 227 10.88 1.20 4.28
C TRP B 227 10.74 1.41 5.74
N GLY B 228 11.53 0.67 6.50
CA GLY B 228 11.53 0.80 7.94
C GLY B 228 12.70 -0.02 8.48
N GLU B 229 13.07 0.14 9.75
CA GLU B 229 14.18 -0.58 10.36
C GLU B 229 13.48 -1.38 11.43
N GLY B 230 13.29 -2.65 11.12
CA GLY B 230 12.51 -3.50 12.01
C GLY B 230 11.02 -3.20 11.78
N CYS B 231 10.16 -3.72 12.64
CA CYS B 231 8.73 -3.51 12.54
C CYS B 231 8.28 -3.36 13.97
N ASP B 232 7.64 -2.24 14.18
CA ASP B 232 7.05 -1.82 15.43
C ASP B 232 8.03 -1.72 16.61
N ARG B 233 9.23 -1.22 16.32
CA ARG B 233 10.23 -1.06 17.37
C ARG B 233 10.06 0.29 18.00
N ASP B 234 10.11 0.38 19.33
CA ASP B 234 10.03 1.66 20.01
C ASP B 234 11.08 2.63 19.50
N GLY B 235 10.64 3.86 19.26
CA GLY B 235 11.53 4.90 18.80
C GLY B 235 11.86 4.81 17.32
N LYS B 236 11.26 3.88 16.56
CA LYS B 236 11.47 3.79 15.13
C LYS B 236 10.11 4.02 14.45
N TYR B 237 10.04 4.39 13.17
CA TYR B 237 8.80 4.78 12.50
C TYR B 237 8.80 4.17 11.11
N GLY B 238 7.64 3.95 10.51
CA GLY B 238 7.64 3.45 9.15
C GLY B 238 7.76 4.65 8.23
N PHE B 239 8.41 4.51 7.07
CA PHE B 239 8.53 5.55 6.08
C PHE B 239 7.73 5.16 4.86
N TYR B 240 7.19 6.22 4.28
CA TYR B 240 6.23 6.12 3.19
C TYR B 240 6.59 7.03 2.04
N THR B 241 6.45 6.63 0.78
CA THR B 241 6.62 7.53 -0.35
C THR B 241 5.53 8.62 -0.32
N HIS B 242 5.90 9.90 -0.49
CA HIS B 242 4.96 11.02 -0.42
C HIS B 242 4.25 11.12 -1.75
N VAL B 243 3.02 10.63 -1.90
CA VAL B 243 2.41 10.55 -3.24
C VAL B 243 2.15 11.93 -3.83
N PHE B 244 1.65 12.91 -3.10
CA PHE B 244 1.42 14.19 -3.75
C PHE B 244 2.69 14.83 -4.35
N ARG B 245 3.85 14.65 -3.72
CA ARG B 245 5.10 15.28 -4.21
C ARG B 245 5.53 14.63 -5.52
N LEU B 246 5.04 13.43 -5.86
CA LEU B 246 5.41 12.82 -7.11
C LEU B 246 4.21 12.74 -8.06
N LYS B 247 3.15 13.46 -7.76
CA LYS B 247 1.95 13.41 -8.56
C LYS B 247 2.16 13.93 -9.98
N LYS B 248 3.04 14.91 -10.20
CA LYS B 248 3.25 15.35 -11.57
C LYS B 248 3.82 14.23 -12.44
N TRP B 249 4.69 13.37 -11.88
CA TRP B 249 5.22 12.29 -12.68
C TRP B 249 4.10 11.31 -13.00
N ILE B 250 3.22 11.02 -12.03
CA ILE B 250 2.09 10.11 -12.22
C ILE B 250 1.23 10.63 -13.37
N GLN B 251 0.83 11.90 -13.30
CA GLN B 251 0.01 12.51 -14.35
C GLN B 251 0.71 12.43 -15.70
N LYS B 252 2.01 12.72 -15.76
CA LYS B 252 2.77 12.64 -16.99
C LYS B 252 2.67 11.26 -17.62
N VAL B 253 2.94 10.20 -16.85
CA VAL B 253 2.87 8.84 -17.34
C VAL B 253 1.46 8.48 -17.83
N ILE B 254 0.40 8.75 -17.09
CA ILE B 254 -0.93 8.36 -17.51
C ILE B 254 -1.30 9.18 -18.75
N ASP B 255 -1.06 10.49 -18.78
CA ASP B 255 -1.34 11.29 -19.96
C ASP B 255 -0.57 10.88 -21.21
N GLN B 256 0.67 10.43 -21.06
CA GLN B 256 1.47 10.01 -22.19
C GLN B 256 1.22 8.56 -22.59
N PHE B 257 0.70 7.71 -21.69
CA PHE B 257 0.60 6.30 -22.03
C PHE B 257 -0.78 5.67 -22.02
N GLY B 258 -1.83 6.36 -21.59
CA GLY B 258 -3.19 5.82 -21.68
C GLY B 258 -3.83 5.64 -20.31
N GLU B 259 -4.78 4.86 -20.18
C ACE C 1 15.89 -3.24 6.39
O ACE C 1 16.58 -3.89 5.57
CH3 ACE C 1 15.56 -3.77 7.77
N DPN C 2 15.39 -2.04 6.12
CA DPN C 2 15.63 -1.40 4.85
C DPN C 2 14.28 -1.45 4.11
O DPN C 2 13.25 -1.15 4.75
CB DPN C 2 16.14 0.02 5.15
CG DPN C 2 16.66 0.77 3.92
CD1 DPN C 2 17.68 0.26 3.16
CD2 DPN C 2 16.06 1.98 3.58
CE1 DPN C 2 18.11 0.95 2.04
CE2 DPN C 2 16.50 2.66 2.46
CZ DPN C 2 17.52 2.15 1.69
N PRO C 3 14.22 -1.81 2.84
CA PRO C 3 13.00 -1.93 2.05
C PRO C 3 12.05 -2.91 2.73
N OPR C 4 10.71 -2.72 2.69
CA OPR C 4 9.86 -3.72 3.32
CB OPR C 4 8.70 -2.93 3.97
CG OPR C 4 9.11 -2.49 5.34
CD OPR C 4 8.18 -1.57 6.08
NE OPR C 4 8.70 -1.56 7.44
CZ OPR C 4 8.23 -0.78 8.41
NH1 OPR C 4 7.23 0.08 8.20
NH2 OPR C 4 8.79 -0.92 9.64
C3 OPR C 4 9.36 -4.90 2.44
O1 OPR C 4 8.13 -5.16 2.37
C2 OPR C 4 10.23 -5.26 1.23
C1 OPR C 4 9.72 -6.37 0.33
C OPR C 4 9.59 -7.72 1.03
O OPR C 4 10.09 -7.91 2.14
N GLN C 5 8.94 -8.65 0.34
CA GLN C 5 8.62 -10.00 0.79
C GLN C 5 9.59 -10.84 1.60
N SER C 6 10.87 -10.85 1.24
CA SER C 6 11.90 -11.69 1.83
C SER C 6 11.50 -13.14 2.16
N HIS C 7 10.86 -13.45 3.29
CA HIS C 7 10.56 -14.84 3.63
C HIS C 7 9.20 -15.20 3.06
N ASN C 8 9.25 -15.58 1.78
CA ASN C 8 8.06 -15.96 1.06
C ASN C 8 8.06 -17.47 0.85
N ASP C 9 7.09 -18.16 1.48
CA ASP C 9 6.97 -19.60 1.36
C ASP C 9 6.27 -20.07 0.08
N GLY C 10 4.94 -20.21 0.05
CA GLY C 10 4.24 -20.69 -1.14
C GLY C 10 3.04 -21.54 -0.74
N ASP C 11 2.37 -21.14 0.34
CA ASP C 11 1.21 -21.85 0.86
C ASP C 11 -0.07 -21.33 0.19
N PHE C 12 0.03 -20.96 -1.07
CA PHE C 12 -1.05 -20.30 -1.77
C PHE C 12 -1.85 -21.30 -2.57
N GLU C 13 -3.20 -21.18 -2.70
CA GLU C 13 -3.95 -22.08 -3.57
C GLU C 13 -3.56 -21.70 -5.00
N GLU C 14 -3.54 -22.72 -5.86
CA GLU C 14 -3.19 -22.52 -7.23
C GLU C 14 -4.28 -21.72 -7.90
N ILE C 15 -3.78 -20.71 -8.60
CA ILE C 15 -4.69 -19.91 -9.38
C ILE C 15 -5.01 -20.65 -10.66
N PRO C 16 -6.11 -20.33 -11.35
CA PRO C 16 -6.44 -20.86 -12.65
C PRO C 16 -5.36 -20.76 -13.69
N GLU C 17 -5.13 -21.94 -14.25
CA GLU C 17 -4.15 -22.24 -15.27
C GLU C 17 -3.91 -21.13 -16.29
N GLU C 18 -4.96 -20.58 -16.91
CA GLU C 18 -4.80 -19.56 -17.94
C GLU C 18 -4.11 -18.26 -17.56
N TYR C 19 -3.74 -18.06 -16.29
CA TYR C 19 -3.09 -16.85 -15.89
C TYR C 19 -1.57 -16.99 -15.78
N LEU C 20 -1.09 -18.20 -16.03
CA LEU C 20 0.32 -18.53 -15.93
C LEU C 20 0.97 -18.70 -17.30
N GLN C 21 0.33 -18.44 -18.32
#